data_8AAQ
#
_entry.id   8AAQ
#
_cell.length_a   62.119
_cell.length_b   66.445
_cell.length_c   120.262
_cell.angle_alpha   90.000
_cell.angle_beta   90.000
_cell.angle_gamma   90.000
#
_symmetry.space_group_name_H-M   'C 2 2 21'
#
loop_
_entity.id
_entity.type
_entity.pdbx_description
1 polymer 'Carotenoid-binding protein'
2 water water
#
_entity_poly.entity_id   1
_entity_poly.type   'polypeptide(L)'
_entity_poly.pdbx_seq_one_letter_code
;MGSSHHHHHHSSGLEVLFQGPHMSIDEYKSQANESMANAWRIITLPNWTVEKRGTVRGDVVESRKVEGFGKVYRFTGVVN
CPARFLYEEFKNNLTKLPEWNPTILKCEIIKEIGDGVDLSYQVTAGGGRGIITPRDFVILRRTALLSREGRVVDDNPHGY
ISSGVSVQVPGYPPLKEMVRGHNKVGCWYLQPRTVQTPGGKIEDQALFQWLMCCDLKGKIPQFVLDVAFATVMLDYIVHV
RKFVAEAKARAEI
;
_entity_poly.pdbx_strand_id   A
#
# COMPACT_ATOMS: atom_id res chain seq x y z
N MET A 23 -3.38 17.93 -16.22
CA MET A 23 -2.98 18.63 -14.94
C MET A 23 -1.53 19.16 -15.00
N SER A 24 -1.30 20.35 -14.39
CA SER A 24 0.03 20.86 -14.08
C SER A 24 0.74 19.99 -13.05
N ILE A 25 2.08 19.97 -13.18
CA ILE A 25 3.00 19.54 -12.12
C ILE A 25 2.42 19.98 -10.75
N ASP A 26 1.95 21.24 -10.63
CA ASP A 26 1.59 21.74 -9.32
C ASP A 26 0.28 21.08 -8.86
N GLU A 27 -0.68 20.83 -9.78
CA GLU A 27 -1.93 20.18 -9.40
C GLU A 27 -1.65 18.76 -8.92
N TYR A 28 -0.84 18.02 -9.69
CA TYR A 28 -0.43 16.69 -9.27
C TYR A 28 0.39 16.70 -8.00
N LYS A 29 1.35 17.60 -7.83
CA LYS A 29 2.17 17.60 -6.62
C LYS A 29 1.30 17.93 -5.42
N SER A 30 0.38 18.91 -5.60
CA SER A 30 -0.61 19.20 -4.56
C SER A 30 -1.43 18.01 -4.12
N GLN A 31 -2.04 17.35 -5.11
CA GLN A 31 -2.88 16.17 -4.85
C GLN A 31 -2.09 15.03 -4.17
N ALA A 32 -0.82 14.85 -4.56
CA ALA A 32 0.05 13.83 -3.91
C ALA A 32 0.31 14.19 -2.44
N ASN A 33 0.67 15.46 -2.18
CA ASN A 33 0.83 15.92 -0.81
C ASN A 33 -0.43 15.73 0.04
N GLU A 34 -1.58 16.22 -0.47
CA GLU A 34 -2.84 16.12 0.24
C GLU A 34 -3.18 14.66 0.55
N SER A 35 -2.92 13.79 -0.43
CA SER A 35 -3.21 12.38 -0.33
C SER A 35 -2.32 11.72 0.75
N MET A 36 -1.05 12.09 0.78
CA MET A 36 -0.07 11.56 1.71
C MET A 36 -0.50 12.00 3.13
N ALA A 37 -0.86 13.29 3.31
CA ALA A 37 -1.30 13.79 4.63
C ALA A 37 -2.59 13.07 5.05
N ASN A 38 -3.54 12.88 4.13
CA ASN A 38 -4.75 12.13 4.44
C ASN A 38 -4.46 10.69 4.83
N ALA A 39 -3.57 10.01 4.09
CA ALA A 39 -3.27 8.59 4.43
C ALA A 39 -2.60 8.51 5.79
N TRP A 40 -1.71 9.48 6.07
CA TRP A 40 -0.99 9.40 7.33
C TRP A 40 -1.94 9.64 8.54
N ARG A 41 -2.82 10.64 8.39
CA ARG A 41 -3.81 10.99 9.37
C ARG A 41 -4.71 9.76 9.64
N ILE A 42 -5.18 9.10 8.58
CA ILE A 42 -6.16 8.00 8.67
C ILE A 42 -5.53 6.78 9.32
N ILE A 43 -4.32 6.44 8.80
CA ILE A 43 -3.73 5.15 9.16
C ILE A 43 -3.32 5.20 10.64
N THR A 44 -3.25 6.42 11.20
CA THR A 44 -2.90 6.51 12.61
C THR A 44 -4.09 6.99 13.43
N LEU A 45 -5.34 6.93 12.92
CA LEU A 45 -6.54 7.17 13.72
C LEU A 45 -6.74 6.09 14.78
N PRO A 46 -7.37 6.36 15.96
CA PRO A 46 -7.66 5.29 16.93
C PRO A 46 -9.00 4.61 16.63
N ASN A 47 -9.25 3.45 17.26
CA ASN A 47 -10.57 2.82 17.33
C ASN A 47 -11.04 2.23 15.99
N TRP A 48 -10.51 1.06 15.64
CA TRP A 48 -10.78 0.32 14.41
C TRP A 48 -11.59 -0.93 14.82
N THR A 49 -12.19 -1.58 13.85
CA THR A 49 -12.97 -2.81 14.08
C THR A 49 -12.25 -3.94 13.39
N VAL A 50 -12.21 -5.12 14.05
CA VAL A 50 -11.52 -6.24 13.42
C VAL A 50 -12.42 -6.85 12.33
N GLU A 51 -11.89 -7.00 11.09
CA GLU A 51 -12.59 -7.68 10.01
C GLU A 51 -12.17 -9.14 9.95
N LYS A 52 -10.85 -9.42 9.91
CA LYS A 52 -10.36 -10.76 9.66
C LYS A 52 -8.97 -10.86 10.26
N ARG A 53 -8.70 -11.96 10.94
CA ARG A 53 -7.34 -12.25 11.39
C ARG A 53 -6.67 -13.19 10.37
N GLY A 54 -5.36 -12.97 10.21
CA GLY A 54 -4.55 -13.83 9.37
C GLY A 54 -4.08 -15.08 10.16
N THR A 55 -3.24 -15.88 9.51
CA THR A 55 -2.59 -17.09 9.99
C THR A 55 -1.48 -16.71 10.97
N VAL A 56 -0.64 -15.75 10.60
CA VAL A 56 0.54 -15.31 11.35
C VAL A 56 0.11 -14.44 12.52
N ARG A 57 0.71 -14.68 13.72
CA ARG A 57 0.28 -14.07 14.97
C ARG A 57 0.39 -12.56 14.81
N GLY A 58 -0.70 -11.85 15.09
CA GLY A 58 -0.66 -10.39 14.99
C GLY A 58 -1.17 -9.85 13.65
N ASP A 59 -1.22 -10.65 12.56
CA ASP A 59 -1.78 -10.15 11.30
C ASP A 59 -3.29 -9.90 11.40
N VAL A 60 -3.70 -8.70 10.98
CA VAL A 60 -5.11 -8.34 11.10
C VAL A 60 -5.48 -7.36 9.99
N VAL A 61 -6.68 -7.56 9.49
CA VAL A 61 -7.40 -6.55 8.69
C VAL A 61 -8.50 -5.93 9.56
N GLU A 62 -8.42 -4.60 9.72
CA GLU A 62 -9.36 -3.78 10.48
C GLU A 62 -10.05 -2.77 9.55
N SER A 63 -11.24 -2.27 9.97
CA SER A 63 -11.88 -1.20 9.25
C SER A 63 -12.32 -0.06 10.19
N ARG A 64 -12.63 1.08 9.56
CA ARG A 64 -13.15 2.24 10.23
C ARG A 64 -13.94 3.06 9.23
N LYS A 65 -14.88 3.84 9.77
CA LYS A 65 -15.55 4.91 9.07
C LYS A 65 -14.67 6.12 9.21
N VAL A 66 -14.49 6.82 8.07
CA VAL A 66 -13.72 8.07 8.01
C VAL A 66 -14.60 9.03 7.23
N GLU A 67 -14.81 10.23 7.84
CA GLU A 67 -15.70 11.23 7.20
C GLU A 67 -15.03 11.70 5.90
N GLY A 68 -15.78 11.67 4.79
CA GLY A 68 -15.32 12.06 3.44
C GLY A 68 -14.61 10.96 2.64
N PHE A 69 -14.36 9.78 3.27
CA PHE A 69 -13.84 8.59 2.60
C PHE A 69 -14.83 7.43 2.63
N GLY A 70 -15.57 7.23 3.69
CA GLY A 70 -16.44 6.03 3.76
C GLY A 70 -15.71 4.98 4.58
N LYS A 71 -15.78 3.69 4.19
CA LYS A 71 -15.16 2.61 4.95
C LYS A 71 -13.74 2.39 4.42
N VAL A 72 -12.77 2.44 5.35
CA VAL A 72 -11.34 2.25 5.00
C VAL A 72 -10.91 0.94 5.63
N TYR A 73 -9.91 0.30 4.99
CA TYR A 73 -9.43 -0.98 5.52
C TYR A 73 -7.96 -0.83 5.83
N ARG A 74 -7.52 -1.51 6.89
CA ARG A 74 -6.08 -1.43 7.20
C ARG A 74 -5.59 -2.80 7.60
N PHE A 75 -4.54 -3.25 6.89
CA PHE A 75 -3.77 -4.43 7.29
C PHE A 75 -2.63 -4.02 8.19
N THR A 76 -2.40 -4.83 9.27
CA THR A 76 -1.20 -4.64 10.07
C THR A 76 -0.56 -6.01 10.26
N GLY A 77 0.80 -6.04 10.12
CA GLY A 77 1.51 -7.22 10.65
C GLY A 77 2.99 -7.00 10.49
N VAL A 78 3.74 -7.99 10.99
CA VAL A 78 5.19 -7.76 11.14
C VAL A 78 5.87 -8.50 9.98
N VAL A 79 6.88 -7.88 9.36
CA VAL A 79 7.62 -8.54 8.30
C VAL A 79 9.12 -8.59 8.72
N ASN A 80 9.73 -9.73 8.37
CA ASN A 80 11.06 -10.01 8.94
C ASN A 80 12.14 -9.38 8.06
N CYS A 81 12.13 -8.05 7.92
CA CYS A 81 13.21 -7.42 7.16
C CYS A 81 13.35 -6.00 7.66
N PRO A 82 14.42 -5.25 7.36
CA PRO A 82 14.48 -3.80 7.70
C PRO A 82 13.36 -3.04 6.97
N ALA A 83 12.71 -2.10 7.65
CA ALA A 83 11.68 -1.32 6.96
C ALA A 83 12.26 -0.58 5.77
N ARG A 84 13.54 -0.11 5.87
CA ARG A 84 14.16 0.58 4.71
C ARG A 84 14.24 -0.29 3.43
N PHE A 85 14.52 -1.58 3.59
CA PHE A 85 14.66 -2.51 2.50
C PHE A 85 13.36 -2.56 1.68
N LEU A 86 12.23 -2.80 2.37
CA LEU A 86 10.97 -2.84 1.68
C LEU A 86 10.62 -1.47 1.09
N TYR A 87 10.82 -0.40 1.85
CA TYR A 87 10.55 0.94 1.35
C TYR A 87 11.27 1.16 0.02
N GLU A 88 12.57 0.85 -0.03
CA GLU A 88 13.39 1.02 -1.24
C GLU A 88 12.89 0.15 -2.37
N GLU A 89 12.33 -1.07 -2.08
CA GLU A 89 11.80 -1.92 -3.12
C GLU A 89 10.55 -1.30 -3.72
N PHE A 90 9.66 -0.83 -2.84
CA PHE A 90 8.42 -0.21 -3.30
C PHE A 90 8.74 1.11 -4.01
N LYS A 91 9.70 1.86 -3.52
CA LYS A 91 9.94 3.19 -4.05
C LYS A 91 10.62 3.08 -5.41
N ASN A 92 11.66 2.23 -5.49
CA ASN A 92 12.61 2.24 -6.62
C ASN A 92 12.32 1.11 -7.56
N ASN A 93 11.51 0.13 -7.16
CA ASN A 93 11.34 -1.06 -7.99
C ASN A 93 9.88 -1.46 -8.18
N LEU A 94 9.01 -0.44 -8.22
CA LEU A 94 7.57 -0.65 -8.43
C LEU A 94 7.28 -1.41 -9.74
N THR A 95 8.11 -1.18 -10.78
CA THR A 95 7.91 -1.91 -12.03
C THR A 95 8.26 -3.38 -11.91
N LYS A 96 8.95 -3.80 -10.84
CA LYS A 96 9.29 -5.22 -10.70
C LYS A 96 8.28 -5.98 -9.84
N LEU A 97 7.28 -5.28 -9.23
CA LEU A 97 6.28 -5.93 -8.36
C LEU A 97 5.62 -7.15 -9.00
N PRO A 98 5.33 -7.18 -10.33
CA PRO A 98 4.73 -8.36 -10.95
C PRO A 98 5.57 -9.64 -10.84
N GLU A 99 6.89 -9.46 -10.70
CA GLU A 99 7.83 -10.56 -10.73
C GLU A 99 7.67 -11.38 -9.46
N TRP A 100 7.31 -10.75 -8.34
CA TRP A 100 7.23 -11.47 -7.08
C TRP A 100 5.82 -11.44 -6.47
N ASN A 101 4.92 -10.65 -7.04
CA ASN A 101 3.59 -10.51 -6.50
C ASN A 101 2.59 -10.90 -7.60
N PRO A 102 2.04 -12.16 -7.60
CA PRO A 102 1.17 -12.58 -8.70
C PRO A 102 -0.14 -11.79 -8.79
N THR A 103 -0.59 -11.14 -7.70
CA THR A 103 -1.80 -10.32 -7.69
C THR A 103 -1.60 -8.99 -8.49
N ILE A 104 -0.36 -8.65 -8.93
CA ILE A 104 -0.05 -7.45 -9.70
C ILE A 104 0.40 -7.89 -11.07
N LEU A 105 -0.45 -7.64 -12.07
CA LEU A 105 -0.16 -8.07 -13.43
C LEU A 105 0.84 -7.22 -14.19
N LYS A 106 0.74 -5.91 -13.99
CA LYS A 106 1.52 -4.99 -14.78
C LYS A 106 1.74 -3.76 -13.91
N CYS A 107 2.94 -3.19 -14.04
CA CYS A 107 3.15 -1.94 -13.37
C CYS A 107 4.11 -1.11 -14.22
N GLU A 108 3.71 0.12 -14.54
CA GLU A 108 4.52 0.96 -15.44
C GLU A 108 4.57 2.34 -14.84
N ILE A 109 5.75 2.96 -14.85
CA ILE A 109 5.88 4.35 -14.40
C ILE A 109 5.50 5.23 -15.56
N ILE A 110 4.52 6.10 -15.34
CA ILE A 110 4.14 7.03 -16.39
C ILE A 110 5.14 8.22 -16.37
N LYS A 111 5.37 8.83 -15.20
CA LYS A 111 6.18 10.05 -15.12
C LYS A 111 6.58 10.25 -13.68
N GLU A 112 7.81 10.77 -13.55
CA GLU A 112 8.24 11.06 -12.20
C GLU A 112 8.38 12.58 -12.14
N ILE A 113 7.75 13.20 -11.14
CA ILE A 113 7.53 14.67 -11.15
C ILE A 113 8.19 15.34 -9.94
N GLY A 114 9.01 14.64 -9.22
CA GLY A 114 9.91 15.26 -8.24
C GLY A 114 9.41 15.11 -6.82
N ASP A 115 10.31 15.21 -5.84
CA ASP A 115 9.97 15.08 -4.39
C ASP A 115 9.40 13.67 -4.10
N GLY A 116 9.97 12.61 -4.74
CA GLY A 116 9.49 11.22 -4.63
C GLY A 116 8.01 11.05 -5.09
N VAL A 117 7.55 11.94 -6.02
CA VAL A 117 6.16 11.90 -6.52
C VAL A 117 6.26 11.27 -7.92
N ASP A 118 5.34 10.34 -8.20
CA ASP A 118 5.27 9.81 -9.54
C ASP A 118 3.84 9.33 -9.90
N LEU A 119 3.64 9.09 -11.21
CA LEU A 119 2.39 8.57 -11.80
C LEU A 119 2.70 7.20 -12.38
N SER A 120 1.83 6.24 -12.14
CA SER A 120 2.03 4.85 -12.53
C SER A 120 0.68 4.28 -13.00
N TYR A 121 0.79 3.28 -13.91
CA TYR A 121 -0.32 2.48 -14.40
C TYR A 121 -0.13 1.09 -13.88
N GLN A 122 -1.17 0.55 -13.19
CA GLN A 122 -1.05 -0.73 -12.50
C GLN A 122 -2.29 -1.60 -12.82
N VAL A 123 -2.08 -2.89 -13.11
CA VAL A 123 -3.20 -3.81 -13.40
C VAL A 123 -3.13 -4.86 -12.30
N THR A 124 -4.29 -5.08 -11.66
CA THR A 124 -4.33 -6.04 -10.59
C THR A 124 -5.24 -7.20 -11.03
N ALA A 125 -4.90 -8.36 -10.49
CA ALA A 125 -5.66 -9.60 -10.62
C ALA A 125 -6.95 -9.55 -9.77
N GLY A 126 -7.90 -10.42 -10.13
CA GLY A 126 -9.13 -10.54 -9.36
C GLY A 126 -8.89 -11.24 -8.01
N GLY A 127 -9.74 -10.96 -7.00
CA GLY A 127 -9.79 -11.75 -5.79
C GLY A 127 -10.17 -13.18 -6.16
N ARG A 129 -12.62 -14.92 -4.83
CA ARG A 129 -14.05 -15.09 -4.44
C ARG A 129 -15.03 -14.48 -5.48
N GLY A 130 -14.49 -13.93 -6.60
CA GLY A 130 -15.25 -13.31 -7.68
C GLY A 130 -15.94 -11.99 -7.33
N ILE A 131 -15.57 -11.33 -6.20
CA ILE A 131 -16.16 -10.03 -5.89
C ILE A 131 -15.29 -8.93 -6.49
N ILE A 132 -14.00 -8.94 -6.15
CA ILE A 132 -13.05 -7.98 -6.68
C ILE A 132 -12.57 -8.63 -7.97
N THR A 133 -12.95 -8.05 -9.12
CA THR A 133 -12.54 -8.60 -10.40
C THR A 133 -11.20 -7.93 -10.81
N PRO A 134 -10.52 -8.30 -11.93
CA PRO A 134 -9.30 -7.60 -12.37
C PRO A 134 -9.66 -6.13 -12.57
N ARG A 135 -8.72 -5.25 -12.22
CA ARG A 135 -8.98 -3.82 -12.36
C ARG A 135 -7.65 -3.18 -12.76
N ASP A 136 -7.75 -2.00 -13.41
CA ASP A 136 -6.51 -1.26 -13.61
C ASP A 136 -6.65 0.08 -12.89
N PHE A 137 -5.49 0.76 -12.76
CA PHE A 137 -5.44 1.94 -11.92
C PHE A 137 -4.43 2.92 -12.52
N VAL A 138 -4.73 4.22 -12.41
CA VAL A 138 -3.78 5.29 -12.70
C VAL A 138 -3.54 5.97 -11.38
N ILE A 139 -2.29 5.84 -10.87
CA ILE A 139 -1.99 6.12 -9.44
C ILE A 139 -0.99 7.26 -9.36
N LEU A 140 -1.37 8.28 -8.56
CA LEU A 140 -0.44 9.31 -8.14
C LEU A 140 0.07 8.94 -6.75
N ARG A 141 1.43 8.81 -6.60
CA ARG A 141 2.06 8.36 -5.32
C ARG A 141 3.02 9.44 -4.82
N ARG A 142 3.12 9.63 -3.50
CA ARG A 142 4.32 10.21 -2.92
C ARG A 142 4.96 9.17 -2.00
N THR A 143 6.30 9.03 -2.15
CA THR A 143 7.05 8.18 -1.20
C THR A 143 7.93 9.07 -0.35
N ALA A 144 7.85 8.97 0.99
CA ALA A 144 8.57 9.93 1.82
C ALA A 144 8.98 9.26 3.12
N LEU A 145 9.92 9.90 3.82
CA LEU A 145 10.24 9.59 5.21
C LEU A 145 9.49 10.58 6.11
N LEU A 146 8.87 10.06 7.17
CA LEU A 146 8.00 10.84 8.07
C LEU A 146 8.52 10.80 9.50
N SER A 147 8.39 11.95 10.20
CA SER A 147 8.46 12.01 11.64
C SER A 147 7.23 11.30 12.24
N ARG A 148 7.30 11.11 13.56
CA ARG A 148 6.15 10.71 14.35
C ARG A 148 4.96 11.71 14.31
N GLU A 149 5.18 13.00 13.93
CA GLU A 149 4.14 14.01 13.77
C GLU A 149 3.68 14.07 12.31
N GLY A 150 4.20 13.19 11.44
CA GLY A 150 3.81 13.12 10.06
C GLY A 150 4.44 14.24 9.24
N ARG A 151 5.57 14.79 9.69
CA ARG A 151 6.28 15.78 8.88
C ARG A 151 7.30 15.01 8.04
N VAL A 152 7.65 15.54 6.88
CA VAL A 152 8.63 14.94 5.97
C VAL A 152 10.00 15.24 6.53
N VAL A 153 10.81 14.18 6.64
CA VAL A 153 12.18 14.33 7.17
C VAL A 153 13.13 13.83 6.08
N ASP A 154 14.42 14.19 6.23
CA ASP A 154 15.49 13.73 5.34
C ASP A 154 16.19 12.49 5.82
N ASP A 155 16.11 12.16 7.11
CA ASP A 155 16.80 11.01 7.70
C ASP A 155 16.22 10.75 9.08
N ASN A 156 16.75 9.71 9.78
CA ASN A 156 16.24 9.15 11.03
C ASN A 156 14.71 9.11 11.05
N PRO A 157 13.99 8.45 10.06
CA PRO A 157 12.53 8.51 10.02
C PRO A 157 11.92 7.78 11.22
N HIS A 158 10.74 8.22 11.65
CA HIS A 158 9.82 7.38 12.41
C HIS A 158 9.10 6.33 11.56
N GLY A 159 8.68 6.67 10.34
CA GLY A 159 8.03 5.72 9.45
C GLY A 159 8.39 6.01 7.98
N TYR A 160 8.21 5.04 7.07
CA TYR A 160 8.42 5.26 5.65
C TYR A 160 7.01 5.12 5.04
N ILE A 161 6.61 6.01 4.10
CA ILE A 161 5.25 5.97 3.57
C ILE A 161 5.34 6.01 2.06
N SER A 162 4.41 5.24 1.44
CA SER A 162 4.15 5.38 0.01
C SER A 162 2.66 5.50 -0.09
N SER A 163 2.16 6.70 -0.47
CA SER A 163 0.74 6.95 -0.45
C SER A 163 0.27 6.87 -1.92
N GLY A 164 -1.00 6.60 -2.16
CA GLY A 164 -1.47 6.42 -3.53
C GLY A 164 -2.89 7.04 -3.62
N VAL A 165 -3.23 7.72 -4.73
CA VAL A 165 -4.64 8.09 -4.97
C VAL A 165 -4.81 7.90 -6.51
N SER A 166 -6.02 7.45 -6.94
CA SER A 166 -6.31 7.44 -8.36
C SER A 166 -6.46 8.88 -8.90
N VAL A 167 -5.98 9.12 -10.13
CA VAL A 167 -6.10 10.38 -10.85
C VAL A 167 -6.31 10.03 -12.33
N GLN A 168 -6.68 11.03 -13.16
CA GLN A 168 -6.84 10.84 -14.59
C GLN A 168 -5.60 11.38 -15.28
N VAL A 169 -5.10 10.59 -16.22
CA VAL A 169 -3.95 11.01 -16.99
C VAL A 169 -4.41 10.84 -18.43
N PRO A 170 -4.37 11.92 -19.26
CA PRO A 170 -4.74 11.81 -20.69
C PRO A 170 -3.76 10.78 -21.26
C PRO A 170 -4.58 10.53 -21.52
N GLY A 171 -4.24 9.90 -22.14
N GLY A 171 -3.36 10.02 -21.69
CA GLY A 171 -3.40 8.86 -22.69
CA GLY A 171 -3.20 8.87 -22.58
C GLY A 171 -3.60 7.52 -21.97
N TYR A 172 -4.24 7.54 -20.76
CA TYR A 172 -4.58 6.32 -20.00
C TYR A 172 -6.07 6.29 -19.71
N PRO A 173 -6.93 6.28 -20.77
CA PRO A 173 -8.37 6.24 -20.57
C PRO A 173 -8.75 4.87 -20.00
N PRO A 174 -9.95 4.74 -19.39
CA PRO A 174 -10.51 3.45 -19.01
C PRO A 174 -10.60 2.60 -20.26
N LEU A 175 -10.27 1.33 -20.10
CA LEU A 175 -10.38 0.40 -21.23
C LEU A 175 -11.79 -0.23 -21.18
N LYS A 176 -12.39 -0.53 -22.35
CA LYS A 176 -13.69 -1.23 -22.38
C LYS A 176 -13.57 -2.65 -21.81
N GLU A 177 -12.36 -3.27 -21.90
CA GLU A 177 -12.18 -4.65 -21.45
C GLU A 177 -11.77 -4.76 -19.96
N MET A 178 -11.69 -3.67 -19.21
CA MET A 178 -11.29 -3.82 -17.81
C MET A 178 -11.92 -2.69 -16.97
N VAL A 179 -12.33 -3.03 -15.75
CA VAL A 179 -12.88 -2.02 -14.84
C VAL A 179 -11.70 -1.10 -14.42
N ARG A 180 -11.89 0.22 -14.57
CA ARG A 180 -10.92 1.21 -14.02
C ARG A 180 -11.27 1.40 -12.51
N GLY A 181 -10.45 0.84 -11.64
CA GLY A 181 -10.55 1.02 -10.18
C GLY A 181 -10.32 2.45 -9.77
N HIS A 182 -10.88 2.80 -8.63
CA HIS A 182 -10.64 4.16 -8.09
C HIS A 182 -10.15 4.00 -6.64
N ASN A 183 -8.84 4.29 -6.42
CA ASN A 183 -8.26 4.32 -5.09
C ASN A 183 -8.50 5.73 -4.51
N LYS A 184 -9.38 5.83 -3.50
CA LYS A 184 -9.66 7.14 -2.87
C LYS A 184 -8.54 7.63 -1.95
N VAL A 185 -7.92 6.71 -1.21
CA VAL A 185 -6.80 7.01 -0.32
C VAL A 185 -6.16 5.68 -0.02
N GLY A 186 -4.85 5.67 0.04
CA GLY A 186 -4.18 4.41 0.37
C GLY A 186 -2.72 4.67 0.66
N CYS A 187 -2.08 3.67 1.36
CA CYS A 187 -0.65 3.81 1.55
C CYS A 187 -0.12 2.50 2.11
N TRP A 188 1.16 2.29 1.82
CA TRP A 188 2.04 1.39 2.56
C TRP A 188 2.71 2.24 3.62
N TYR A 189 2.75 1.80 4.90
CA TYR A 189 3.44 2.57 5.92
C TYR A 189 4.25 1.62 6.77
N LEU A 190 5.57 1.85 6.74
CA LEU A 190 6.49 0.89 7.36
C LEU A 190 7.15 1.53 8.55
N GLN A 191 7.15 0.82 9.71
CA GLN A 191 7.87 1.37 10.85
C GLN A 191 9.01 0.43 11.24
N PRO A 192 10.26 0.95 11.41
CA PRO A 192 11.40 0.07 11.69
C PRO A 192 11.29 -0.49 13.12
N ARG A 193 11.65 -1.76 13.29
CA ARG A 193 11.68 -2.42 14.60
C ARG A 193 13.00 -3.22 14.66
N THR A 194 13.61 -3.26 15.82
CA THR A 194 14.79 -4.12 16.01
C THR A 194 14.42 -4.98 17.20
N VAL A 195 14.46 -6.27 16.97
CA VAL A 195 14.00 -7.24 17.97
C VAL A 195 15.15 -8.18 18.36
N GLN A 196 14.96 -8.88 19.46
CA GLN A 196 15.79 -9.99 19.80
C GLN A 196 15.11 -11.31 19.44
N THR A 197 15.83 -12.11 18.67
CA THR A 197 15.33 -13.44 18.24
C THR A 197 15.23 -14.39 19.43
N PRO A 198 14.54 -15.58 19.30
CA PRO A 198 14.71 -16.63 20.30
C PRO A 198 16.16 -17.08 20.52
N GLY A 199 17.04 -17.10 19.47
CA GLY A 199 18.46 -17.41 19.70
C GLY A 199 19.31 -16.25 20.28
N GLY A 200 18.69 -15.07 20.54
CA GLY A 200 19.41 -13.95 21.15
C GLY A 200 20.05 -13.03 20.10
N LYS A 201 19.77 -13.23 18.78
CA LYS A 201 20.35 -12.35 17.77
C LYS A 201 19.52 -11.06 17.78
N ILE A 202 20.16 -9.92 17.42
CA ILE A 202 19.39 -8.70 17.34
C ILE A 202 19.19 -8.53 15.84
N GLU A 203 17.90 -8.32 15.44
CA GLU A 203 17.71 -8.21 13.99
C GLU A 203 16.61 -7.20 13.69
N ASP A 204 16.72 -6.60 12.53
CA ASP A 204 15.73 -5.61 12.16
C ASP A 204 14.51 -6.27 11.54
N GLN A 205 13.37 -5.73 11.92
CA GLN A 205 12.08 -6.16 11.41
C GLN A 205 11.27 -4.90 11.13
N ALA A 206 10.08 -5.07 10.54
CA ALA A 206 9.28 -3.89 10.16
C ALA A 206 7.81 -4.13 10.53
N LEU A 207 7.19 -3.14 11.19
CA LEU A 207 5.72 -3.17 11.24
C LEU A 207 5.21 -2.62 9.91
N PHE A 208 4.41 -3.42 9.23
CA PHE A 208 3.89 -3.17 7.87
C PHE A 208 2.43 -2.86 8.04
N GLN A 209 2.01 -1.63 7.63
CA GLN A 209 0.59 -1.30 7.56
C GLN A 209 0.23 -0.92 6.11
N TRP A 210 -1.01 -1.22 5.71
CA TRP A 210 -1.51 -0.95 4.40
C TRP A 210 -2.94 -0.46 4.54
N LEU A 211 -3.19 0.76 4.00
CA LEU A 211 -4.48 1.39 4.13
C LEU A 211 -5.08 1.31 2.74
N MET A 212 -6.34 0.88 2.62
CA MET A 212 -6.94 0.77 1.30
C MET A 212 -8.37 1.29 1.43
N CYS A 213 -8.77 2.16 0.48
CA CYS A 213 -10.14 2.62 0.43
C CYS A 213 -10.48 2.83 -1.05
N CYS A 214 -11.37 1.99 -1.57
CA CYS A 214 -11.86 2.00 -2.97
C CYS A 214 -13.31 2.49 -3.03
N ASP A 215 -13.70 3.17 -4.15
CA ASP A 215 -15.08 3.00 -4.62
C ASP A 215 -15.07 1.90 -5.66
N LEU A 216 -15.77 0.81 -5.29
CA LEU A 216 -16.14 -0.31 -6.16
C LEU A 216 -17.48 -0.10 -6.90
N GLY A 218 -20.62 -0.40 -7.64
CA GLY A 218 -21.82 -1.27 -7.66
C GLY A 218 -22.80 -1.00 -6.51
N LYS A 219 -23.80 -1.91 -6.41
CA LYS A 219 -24.73 -2.09 -5.30
C LYS A 219 -24.45 -3.38 -4.51
N ILE A 220 -23.22 -3.95 -4.63
CA ILE A 220 -22.79 -5.11 -3.82
C ILE A 220 -22.91 -4.71 -2.34
N PRO A 221 -23.63 -5.43 -1.45
CA PRO A 221 -23.72 -5.01 -0.03
C PRO A 221 -22.36 -4.97 0.67
N GLN A 222 -22.21 -4.00 1.61
CA GLN A 222 -20.97 -3.75 2.34
C GLN A 222 -20.38 -5.02 2.97
N PHE A 223 -21.21 -5.91 3.55
CA PHE A 223 -20.71 -7.11 4.23
C PHE A 223 -19.98 -8.03 3.24
N VAL A 224 -20.44 -8.00 1.96
CA VAL A 224 -19.79 -8.80 0.94
C VAL A 224 -18.40 -8.19 0.63
N LEU A 225 -18.37 -6.87 0.42
CA LEU A 225 -17.17 -6.10 0.18
C LEU A 225 -16.15 -6.29 1.30
N ASP A 226 -16.61 -6.19 2.55
CA ASP A 226 -15.66 -6.34 3.68
C ASP A 226 -14.87 -7.67 3.71
N VAL A 227 -15.54 -8.79 3.43
CA VAL A 227 -14.86 -10.08 3.34
C VAL A 227 -13.88 -10.10 2.15
N ALA A 228 -14.31 -9.60 1.00
CA ALA A 228 -13.50 -9.61 -0.21
C ALA A 228 -12.23 -8.74 -0.08
N PHE A 229 -12.32 -7.47 0.45
CA PHE A 229 -11.21 -6.60 0.76
C PHE A 229 -10.24 -7.24 1.77
N ALA A 230 -10.75 -7.84 2.85
CA ALA A 230 -9.85 -8.37 3.91
C ALA A 230 -9.07 -9.56 3.31
N THR A 231 -9.77 -10.42 2.55
CA THR A 231 -9.15 -11.58 1.93
C THR A 231 -8.05 -11.20 0.95
N VAL A 232 -8.25 -10.19 0.06
CA VAL A 232 -7.25 -9.64 -0.85
C VAL A 232 -6.01 -9.20 -0.08
N MET A 233 -6.26 -8.50 1.06
CA MET A 233 -5.14 -7.90 1.82
C MET A 233 -4.30 -9.00 2.50
N LEU A 234 -4.98 -10.07 2.97
CA LEU A 234 -4.28 -11.21 3.60
C LEU A 234 -3.55 -12.03 2.53
N ASP A 235 -4.13 -12.21 1.32
CA ASP A 235 -3.42 -12.91 0.24
C ASP A 235 -2.15 -12.18 -0.19
N TYR A 236 -2.19 -10.84 -0.25
CA TYR A 236 -1.07 -10.03 -0.67
C TYR A 236 0.16 -10.23 0.25
N ILE A 237 -0.07 -10.31 1.59
CA ILE A 237 1.02 -10.37 2.57
C ILE A 237 1.79 -11.69 2.41
N VAL A 238 1.11 -12.75 1.95
CA VAL A 238 1.83 -13.99 1.70
C VAL A 238 3.03 -13.75 0.76
N HIS A 239 2.81 -12.95 -0.30
CA HIS A 239 3.84 -12.75 -1.34
C HIS A 239 4.91 -11.80 -0.85
N VAL A 240 4.54 -10.87 -0.01
CA VAL A 240 5.58 -9.99 0.61
C VAL A 240 6.52 -10.84 1.48
N ARG A 241 5.89 -11.74 2.25
CA ARG A 241 6.71 -12.58 3.15
C ARG A 241 7.62 -13.56 2.36
N LYS A 242 7.08 -14.06 1.24
CA LYS A 242 7.90 -14.94 0.37
C LYS A 242 9.07 -14.18 -0.27
N PHE A 243 8.78 -12.94 -0.68
CA PHE A 243 9.84 -12.09 -1.25
C PHE A 243 11.00 -11.80 -0.26
N VAL A 244 10.57 -11.45 0.96
CA VAL A 244 11.47 -11.26 2.12
C VAL A 244 12.33 -12.52 2.36
N ALA A 245 11.69 -13.70 2.44
CA ALA A 245 12.37 -14.93 2.85
C ALA A 245 13.40 -15.30 1.77
N GLU A 246 13.09 -14.99 0.50
CA GLU A 246 14.05 -15.20 -0.60
C GLU A 246 15.24 -14.22 -0.55
N ALA A 247 14.98 -12.94 -0.29
CA ALA A 247 16.00 -11.94 0.02
C ALA A 247 16.93 -12.35 1.18
N LYS A 248 16.36 -12.88 2.29
CA LYS A 248 17.14 -13.39 3.45
C LYS A 248 18.06 -14.54 3.04
N ALA A 249 17.49 -15.53 2.36
CA ALA A 249 18.17 -16.72 1.86
C ALA A 249 19.38 -16.37 0.98
N ARG A 250 19.31 -15.27 0.23
CA ARG A 250 20.35 -14.83 -0.71
C ARG A 250 21.26 -13.78 -0.09
N ALA A 251 21.12 -13.53 1.22
CA ALA A 251 21.98 -12.66 2.02
C ALA A 251 21.95 -11.22 1.50
N GLU A 252 20.83 -10.85 0.86
CA GLU A 252 20.59 -9.43 0.59
C GLU A 252 20.23 -8.67 1.87
N ILE A 253 19.66 -9.37 2.86
CA ILE A 253 19.26 -8.83 4.17
C ILE A 253 19.51 -9.92 5.18
#